data_8SHU
#
_entry.id   8SHU
#
_cell.length_a   87.892
_cell.length_b   61.054
_cell.length_c   105.704
_cell.angle_alpha   90.00
_cell.angle_beta   94.57
_cell.angle_gamma   90.00
#
_symmetry.space_group_name_H-M   'I 1 2 1'
#
loop_
_entity.id
_entity.type
_entity.pdbx_description
1 polymer 'Cyclic GMP-AMP synthase'
2 non-polymer 'ZINC ION'
3 water water
#
_entity_poly.entity_id   1
_entity_poly.type   'polypeptide(L)'
_entity_poly.pdbx_seq_one_letter_code
;GTGPDKLKKVLDKLRLKRKDISEAAETVNKVVERLLRRMQKRESEFKGVEQLNTGSYYEHVKISAPNEFDVMFKLEVPRI
ELQEYYETGAFYLVKFKRIPRGNPLSHFLEGEVLSATKMLSKFRKIIKEEVKEIKDIDVSVEKEKPGSPAVTLLIRNPEE
ISVDIILALESKGSWPISTKEGLPIQGWLGTKVRTNLRREPFYLVPKNAKDGNSFQGETWRLSFSHTEKYILNNHGIEKT
CCESSGAKCCRKECLKLMKYLLEQLKKEFQELDAFCSYHVKTAIFHMWTQDPQDSQWDPRNLSSCFDKLLAFFLECLRTE
KLDHYFIPKFNLFSQELIDRKSKEFLSKKIEYERNNGFPIFDKL
;
_entity_poly.pdbx_strand_id   C
#
loop_
_chem_comp.id
_chem_comp.type
_chem_comp.name
_chem_comp.formula
ZN non-polymer 'ZINC ION' 'Zn 2'
#
# COMPACT_ATOMS: atom_id res chain seq x y z
N GLY A 1 30.48 7.18 -14.34
CA GLY A 1 30.88 6.04 -13.49
C GLY A 1 31.05 6.43 -12.03
N THR A 2 30.86 7.70 -11.70
CA THR A 2 30.88 8.07 -10.29
C THR A 2 29.65 7.54 -9.55
N GLY A 3 29.69 7.61 -8.22
CA GLY A 3 28.54 7.23 -7.39
C GLY A 3 27.28 7.98 -7.81
N PRO A 4 27.32 9.32 -7.91
CA PRO A 4 26.11 10.05 -8.27
C PRO A 4 25.57 9.69 -9.65
N ASP A 5 26.47 9.45 -10.57
CA ASP A 5 26.06 9.14 -11.93
C ASP A 5 25.45 7.75 -11.98
N LYS A 6 26.01 6.82 -11.23
CA LYS A 6 25.47 5.48 -11.18
C LYS A 6 24.02 5.48 -10.62
N LEU A 7 23.76 6.26 -9.58
CA LEU A 7 22.41 6.32 -9.05
C LEU A 7 21.43 6.91 -10.09
N LYS A 8 21.83 7.96 -10.81
CA LYS A 8 20.99 8.46 -11.87
C LYS A 8 20.73 7.37 -12.93
N LYS A 9 21.72 6.50 -13.18
CA LYS A 9 21.52 5.46 -14.19
C LYS A 9 20.51 4.43 -13.68
N VAL A 10 20.46 4.16 -12.37
CA VAL A 10 19.44 3.27 -11.84
C VAL A 10 18.07 3.87 -12.09
N LEU A 11 17.92 5.19 -11.91
CA LEU A 11 16.64 5.80 -12.15
C LEU A 11 16.27 5.65 -13.61
N ASP A 12 17.25 5.78 -14.51
CA ASP A 12 16.97 5.55 -15.93
C ASP A 12 16.50 4.13 -16.22
N LYS A 13 17.14 3.16 -15.59
CA LYS A 13 16.72 1.77 -15.70
C LYS A 13 15.25 1.60 -15.23
N LEU A 14 14.89 2.22 -14.11
CA LEU A 14 13.51 2.12 -13.62
C LEU A 14 12.57 2.85 -14.58
N ARG A 15 12.97 3.98 -15.14
CA ARG A 15 12.13 4.67 -16.11
C ARG A 15 11.80 3.72 -17.28
N LEU A 16 12.77 2.94 -17.77
CA LEU A 16 12.50 2.06 -18.89
C LEU A 16 11.52 0.96 -18.51
N LYS A 17 11.56 0.51 -17.26
CA LYS A 17 10.63 -0.53 -16.79
C LYS A 17 9.17 -0.03 -16.79
N ARG A 18 8.97 1.27 -16.86
CA ARG A 18 7.62 1.80 -16.72
C ARG A 18 6.76 1.48 -17.94
N LYS A 19 7.33 1.35 -19.16
CA LYS A 19 6.49 1.29 -20.36
C LYS A 19 5.69 0.00 -20.34
N ASP A 20 6.33 -1.13 -20.07
CA ASP A 20 5.61 -2.39 -19.96
C ASP A 20 4.55 -2.31 -18.85
N ILE A 21 4.86 -1.62 -17.75
CA ILE A 21 3.93 -1.55 -16.63
C ILE A 21 2.68 -0.74 -17.04
N SER A 22 2.89 0.38 -17.73
CA SER A 22 1.80 1.23 -18.18
C SER A 22 0.91 0.48 -19.17
N GLU A 23 1.53 -0.29 -20.08
CA GLU A 23 0.75 -1.02 -21.06
C GLU A 23 -0.10 -2.08 -20.36
N ALA A 24 0.52 -2.79 -19.42
CA ALA A 24 -0.20 -3.80 -18.67
C ALA A 24 -1.32 -3.16 -17.86
N ALA A 25 -1.07 -2.00 -17.28
CA ALA A 25 -2.08 -1.34 -16.48
C ALA A 25 -3.30 -1.04 -17.35
N GLU A 26 -3.10 -0.74 -18.63
CA GLU A 26 -4.25 -0.38 -19.47
C GLU A 26 -5.12 -1.63 -19.69
N THR A 27 -4.51 -2.81 -19.82
CA THR A 27 -5.24 -4.05 -19.93
C THR A 27 -5.93 -4.39 -18.62
N VAL A 28 -5.25 -4.15 -17.49
CA VAL A 28 -5.86 -4.38 -16.21
C VAL A 28 -7.09 -3.52 -16.04
N ASN A 29 -6.96 -2.23 -16.39
CA ASN A 29 -8.03 -1.28 -16.25
C ASN A 29 -9.24 -1.66 -17.11
N LYS A 30 -9.04 -2.14 -18.32
CA LYS A 30 -10.17 -2.58 -19.14
C LYS A 30 -10.94 -3.71 -18.46
N VAL A 31 -10.22 -4.70 -17.94
CA VAL A 31 -10.86 -5.82 -17.25
C VAL A 31 -11.59 -5.33 -16.02
N VAL A 32 -10.91 -4.53 -15.17
CA VAL A 32 -11.47 -4.07 -13.93
C VAL A 32 -12.71 -3.21 -14.20
N GLU A 33 -12.67 -2.32 -15.18
CA GLU A 33 -13.84 -1.51 -15.52
C GLU A 33 -15.01 -2.40 -15.96
N ARG A 34 -14.72 -3.42 -16.75
CA ARG A 34 -15.75 -4.32 -17.22
C ARG A 34 -16.43 -5.03 -16.05
N LEU A 35 -15.59 -5.60 -15.18
CA LEU A 35 -16.07 -6.30 -13.99
C LEU A 35 -16.89 -5.38 -13.09
N LEU A 36 -16.42 -4.16 -12.82
CA LEU A 36 -17.15 -3.24 -11.97
C LEU A 36 -18.49 -2.90 -12.61
N ARG A 37 -18.54 -2.70 -13.91
CA ARG A 37 -19.83 -2.47 -14.55
C ARG A 37 -20.77 -3.64 -14.28
N ARG A 38 -20.29 -4.88 -14.39
CA ARG A 38 -21.15 -6.02 -14.17
C ARG A 38 -21.65 -6.10 -12.72
N MET A 39 -20.74 -5.82 -11.78
CA MET A 39 -21.08 -5.89 -10.37
C MET A 39 -22.04 -4.76 -9.99
N GLN A 40 -21.94 -3.61 -10.68
CA GLN A 40 -22.81 -2.47 -10.43
C GLN A 40 -24.21 -2.67 -11.03
N LYS A 41 -24.32 -3.52 -12.04
CA LYS A 41 -25.60 -3.84 -12.67
C LYS A 41 -26.33 -4.92 -11.90
N ARG A 42 -25.62 -5.91 -11.40
CA ARG A 42 -26.23 -6.98 -10.65
C ARG A 42 -26.76 -6.52 -9.28
N GLU A 43 -27.87 -7.09 -8.82
CA GLU A 43 -28.40 -6.78 -7.50
C GLU A 43 -27.72 -7.67 -6.46
N SER A 44 -27.01 -7.03 -5.50
CA SER A 44 -26.40 -7.74 -4.40
C SER A 44 -25.91 -6.71 -3.38
N GLU A 45 -25.35 -7.24 -2.31
CA GLU A 45 -24.73 -6.44 -1.26
C GLU A 45 -23.54 -5.67 -1.78
N PHE A 46 -23.04 -6.04 -2.96
CA PHE A 46 -21.84 -5.41 -3.51
C PHE A 46 -22.15 -4.46 -4.66
N LYS A 47 -23.45 -4.18 -4.91
CA LYS A 47 -23.84 -3.33 -6.01
C LYS A 47 -23.19 -1.95 -6.00
N GLY A 48 -22.94 -1.41 -4.81
CA GLY A 48 -22.35 -0.07 -4.70
C GLY A 48 -20.81 -0.02 -4.85
N VAL A 49 -20.14 -1.14 -5.20
CA VAL A 49 -18.69 -1.18 -5.26
C VAL A 49 -18.19 -0.19 -6.31
N GLU A 50 -17.03 0.44 -6.02
CA GLU A 50 -16.34 1.33 -6.95
C GLU A 50 -14.84 1.03 -6.86
N GLN A 51 -14.06 1.32 -7.90
CA GLN A 51 -12.61 1.20 -7.72
C GLN A 51 -12.11 2.40 -6.92
N LEU A 52 -11.21 2.11 -5.99
CA LEU A 52 -10.51 3.15 -5.28
C LEU A 52 -9.19 3.29 -6.04
N ASN A 53 -8.93 4.40 -6.72
CA ASN A 53 -7.80 4.46 -7.64
C ASN A 53 -6.53 4.86 -6.89
N THR A 54 -6.03 3.95 -6.08
CA THR A 54 -4.88 4.18 -5.19
C THR A 54 -3.87 3.05 -5.35
N GLY A 55 -2.81 3.06 -4.52
CA GLY A 55 -1.76 2.07 -4.60
C GLY A 55 -0.63 2.61 -5.49
N SER A 56 0.44 1.83 -5.61
CA SER A 56 1.67 2.30 -6.21
C SER A 56 1.53 2.71 -7.67
N TYR A 57 0.65 2.05 -8.46
CA TYR A 57 0.52 2.42 -9.87
C TYR A 57 -0.02 3.84 -10.01
N TYR A 58 -1.05 4.18 -9.22
CA TYR A 58 -1.69 5.49 -9.30
C TYR A 58 -0.91 6.59 -8.58
N GLU A 59 0.07 6.21 -7.75
CA GLU A 59 1.06 7.12 -7.14
C GLU A 59 2.29 7.33 -8.00
N HIS A 60 2.36 6.55 -9.10
CA HIS A 60 3.43 6.60 -10.08
C HIS A 60 4.73 6.06 -9.49
N VAL A 61 4.63 5.08 -8.55
CA VAL A 61 5.81 4.52 -7.88
C VAL A 61 5.80 3.00 -7.96
N LYS A 62 5.06 2.46 -8.96
CA LYS A 62 5.17 1.03 -9.20
C LYS A 62 6.38 0.84 -10.09
N ILE A 63 7.38 0.13 -9.55
CA ILE A 63 8.66 0.11 -10.23
C ILE A 63 8.91 -1.20 -10.97
N SER A 64 8.20 -2.28 -10.59
CA SER A 64 8.48 -3.58 -11.17
C SER A 64 7.21 -4.42 -11.36
N ALA A 65 7.39 -5.64 -11.87
CA ALA A 65 6.34 -6.67 -12.03
C ALA A 65 5.17 -6.14 -12.84
N PRO A 66 5.31 -5.90 -14.17
CA PRO A 66 4.13 -5.61 -14.96
C PRO A 66 3.17 -6.80 -15.07
N ASN A 67 3.49 -7.97 -14.48
CA ASN A 67 2.56 -9.09 -14.51
C ASN A 67 1.78 -9.24 -13.19
N GLU A 68 1.87 -8.26 -12.26
CA GLU A 68 1.21 -8.34 -10.95
C GLU A 68 0.68 -6.97 -10.57
N PHE A 69 -0.63 -6.89 -10.29
CA PHE A 69 -1.26 -5.66 -9.86
C PHE A 69 -2.24 -5.97 -8.72
N ASP A 70 -2.47 -4.98 -7.86
CA ASP A 70 -3.43 -5.03 -6.79
C ASP A 70 -4.41 -3.92 -7.11
N VAL A 71 -5.70 -4.20 -6.90
CA VAL A 71 -6.71 -3.15 -7.04
C VAL A 71 -7.65 -3.26 -5.86
N MET A 72 -8.15 -2.11 -5.40
CA MET A 72 -9.06 -2.09 -4.26
C MET A 72 -10.44 -1.73 -4.76
N PHE A 73 -11.41 -2.54 -4.34
CA PHE A 73 -12.81 -2.22 -4.53
C PHE A 73 -13.38 -1.71 -3.21
N LYS A 74 -13.83 -0.46 -3.17
CA LYS A 74 -14.39 0.07 -1.94
C LYS A 74 -15.91 -0.12 -1.97
N LEU A 75 -16.44 -0.32 -0.78
CA LEU A 75 -17.88 -0.44 -0.56
C LEU A 75 -18.26 0.39 0.66
N GLU A 76 -19.09 1.38 0.41
CA GLU A 76 -19.60 2.19 1.48
C GLU A 76 -20.53 1.37 2.38
N VAL A 77 -20.22 1.39 3.70
CA VAL A 77 -20.98 0.71 4.73
C VAL A 77 -21.31 1.73 5.81
N PRO A 78 -22.58 2.13 5.92
CA PRO A 78 -23.02 3.09 6.94
C PRO A 78 -23.06 2.47 8.34
N ARG A 79 -22.81 3.35 9.32
CA ARG A 79 -22.97 3.08 10.75
C ARG A 79 -22.10 1.92 11.23
N ILE A 80 -20.87 1.86 10.74
CA ILE A 80 -19.84 1.00 11.30
C ILE A 80 -19.50 1.47 12.71
N GLU A 81 -19.59 0.53 13.66
CA GLU A 81 -19.01 0.69 14.97
C GLU A 81 -17.76 -0.16 15.05
N LEU A 82 -16.62 0.43 15.37
CA LEU A 82 -15.38 -0.32 15.43
C LEU A 82 -15.12 -0.79 16.84
N GLN A 83 -14.51 -1.96 16.97
CA GLN A 83 -13.89 -2.34 18.24
C GLN A 83 -12.40 -2.56 17.97
N GLU A 84 -11.52 -1.94 18.77
CA GLU A 84 -10.12 -2.26 18.63
C GLU A 84 -9.93 -3.72 19.00
N TYR A 85 -9.20 -4.46 18.18
CA TYR A 85 -8.88 -5.84 18.45
C TYR A 85 -7.50 -5.91 19.11
N TYR A 86 -6.54 -5.17 18.53
CA TYR A 86 -5.30 -4.76 19.16
C TYR A 86 -5.46 -3.29 19.55
N GLU A 87 -5.17 -2.93 20.81
CA GLU A 87 -5.40 -1.57 21.26
C GLU A 87 -4.38 -0.57 20.64
N THR A 88 -3.35 -1.09 19.99
CA THR A 88 -2.45 -0.30 19.15
C THR A 88 -3.16 0.31 17.94
N GLY A 89 -4.27 -0.31 17.52
CA GLY A 89 -4.90 0.11 16.28
C GLY A 89 -4.52 -0.78 15.10
N ALA A 90 -3.75 -1.87 15.33
CA ALA A 90 -3.32 -2.72 14.25
C ALA A 90 -4.49 -3.47 13.61
N PHE A 91 -5.49 -3.82 14.41
CA PHE A 91 -6.61 -4.66 13.98
C PHE A 91 -7.89 -4.21 14.67
N TYR A 92 -9.00 -4.38 13.95
CA TYR A 92 -10.32 -4.03 14.39
C TYR A 92 -11.30 -5.16 14.10
N LEU A 93 -12.33 -5.29 14.95
CA LEU A 93 -13.57 -5.95 14.59
C LEU A 93 -14.58 -4.89 14.19
N VAL A 94 -15.38 -5.24 13.17
CA VAL A 94 -16.43 -4.37 12.74
C VAL A 94 -17.76 -4.87 13.34
N LYS A 95 -18.50 -3.95 13.97
CA LYS A 95 -19.84 -4.20 14.49
C LYS A 95 -20.72 -3.06 13.98
N PHE A 96 -22.01 -3.06 14.30
CA PHE A 96 -22.95 -2.10 13.72
C PHE A 96 -23.80 -1.37 14.75
N LYS A 97 -24.04 -0.07 14.50
CA LYS A 97 -24.87 0.75 15.37
C LYS A 97 -26.31 0.20 15.38
N GLY A 102 -32.89 -1.92 9.67
CA GLY A 102 -32.22 -3.18 9.40
C GLY A 102 -30.75 -2.94 9.07
N ASN A 103 -30.14 -3.85 8.31
CA ASN A 103 -28.73 -3.73 7.97
C ASN A 103 -28.44 -4.43 6.65
N PRO A 104 -27.98 -3.72 5.59
CA PRO A 104 -27.69 -4.36 4.31
C PRO A 104 -26.72 -5.53 4.38
N LEU A 105 -25.82 -5.53 5.37
CA LEU A 105 -24.85 -6.62 5.52
C LEU A 105 -25.28 -7.70 6.52
N SER A 106 -26.58 -7.74 6.89
CA SER A 106 -27.02 -8.64 7.95
C SER A 106 -26.68 -10.10 7.66
N HIS A 107 -26.64 -10.54 6.37
CA HIS A 107 -26.33 -11.92 6.04
C HIS A 107 -24.90 -12.34 6.43
N PHE A 108 -24.01 -11.36 6.70
CA PHE A 108 -22.62 -11.66 6.94
C PHE A 108 -22.18 -11.54 8.41
N LEU A 109 -23.14 -11.46 9.31
CA LEU A 109 -22.84 -11.35 10.73
C LEU A 109 -22.62 -12.71 11.35
N GLU A 110 -21.72 -12.70 12.33
CA GLU A 110 -21.51 -13.81 13.25
C GLU A 110 -21.75 -13.19 14.61
N GLY A 111 -23.00 -13.30 15.07
CA GLY A 111 -23.48 -12.52 16.20
C GLY A 111 -23.60 -11.03 15.86
N GLU A 112 -22.84 -10.20 16.58
CA GLU A 112 -22.83 -8.77 16.30
C GLU A 112 -21.59 -8.39 15.46
N VAL A 113 -20.76 -9.34 15.10
CA VAL A 113 -19.51 -9.06 14.44
C VAL A 113 -19.63 -9.37 12.94
N LEU A 114 -19.12 -8.45 12.11
CA LEU A 114 -19.13 -8.66 10.67
C LEU A 114 -18.06 -9.70 10.40
N SER A 115 -18.47 -10.75 9.67
CA SER A 115 -17.58 -11.81 9.27
C SER A 115 -16.96 -11.43 7.93
N ALA A 116 -15.64 -11.13 7.93
CA ALA A 116 -14.90 -11.00 6.70
C ALA A 116 -14.98 -12.30 5.89
N THR A 117 -14.85 -13.48 6.56
CA THR A 117 -14.93 -14.77 5.88
C THR A 117 -16.24 -14.88 5.07
N LYS A 118 -17.40 -14.63 5.70
CA LYS A 118 -18.67 -14.73 4.99
C LYS A 118 -18.81 -13.71 3.86
N MET A 119 -18.42 -12.46 4.15
CA MET A 119 -18.59 -11.38 3.21
C MET A 119 -17.70 -11.67 2.00
N LEU A 120 -16.47 -12.11 2.24
CA LEU A 120 -15.52 -12.36 1.15
C LEU A 120 -15.98 -13.58 0.33
N SER A 121 -16.61 -14.54 0.98
CA SER A 121 -17.05 -15.75 0.29
C SER A 121 -18.09 -15.39 -0.76
N LYS A 122 -19.01 -14.48 -0.39
CA LYS A 122 -20.03 -14.01 -1.30
C LYS A 122 -19.46 -13.13 -2.41
N PHE A 123 -18.58 -12.20 -2.04
CA PHE A 123 -17.83 -11.40 -2.99
C PHE A 123 -17.16 -12.27 -4.04
N ARG A 124 -16.48 -13.34 -3.60
CA ARG A 124 -15.76 -14.21 -4.50
C ARG A 124 -16.74 -14.93 -5.44
N LYS A 125 -17.80 -15.49 -4.86
CA LYS A 125 -18.82 -16.22 -5.64
C LYS A 125 -19.38 -15.35 -6.75
N ILE A 126 -19.73 -14.09 -6.44
CA ILE A 126 -20.25 -13.19 -7.43
C ILE A 126 -19.23 -12.81 -8.51
N ILE A 127 -18.00 -12.49 -8.08
CA ILE A 127 -16.94 -12.16 -9.03
C ILE A 127 -16.79 -13.31 -10.02
N LYS A 128 -16.75 -14.54 -9.52
CA LYS A 128 -16.54 -15.73 -10.34
C LYS A 128 -17.66 -15.87 -11.37
N GLU A 129 -18.91 -15.58 -10.96
CA GLU A 129 -20.00 -15.70 -11.91
C GLU A 129 -19.87 -14.67 -13.01
N GLU A 130 -19.61 -13.42 -12.63
CA GLU A 130 -19.61 -12.30 -13.52
C GLU A 130 -18.39 -12.31 -14.44
N VAL A 131 -17.25 -12.81 -13.95
CA VAL A 131 -16.08 -12.89 -14.80
C VAL A 131 -16.32 -13.86 -15.96
N LYS A 132 -17.08 -14.93 -15.72
CA LYS A 132 -17.38 -15.89 -16.79
C LYS A 132 -18.19 -15.30 -17.93
N GLU A 133 -18.86 -14.14 -17.71
CA GLU A 133 -19.61 -13.45 -18.73
C GLU A 133 -18.76 -12.46 -19.53
N ILE A 134 -17.47 -12.28 -19.19
CA ILE A 134 -16.62 -11.39 -19.95
C ILE A 134 -16.00 -12.24 -21.08
N LYS A 135 -16.48 -11.99 -22.28
CA LYS A 135 -16.32 -12.93 -23.38
C LYS A 135 -15.19 -12.49 -24.32
N ASP A 136 -14.85 -11.19 -24.33
CA ASP A 136 -13.92 -10.61 -25.30
C ASP A 136 -12.55 -10.25 -24.70
N ILE A 137 -12.30 -10.70 -23.48
CA ILE A 137 -10.98 -10.66 -22.88
C ILE A 137 -10.79 -12.01 -22.23
N ASP A 138 -9.57 -12.54 -22.32
CA ASP A 138 -9.27 -13.84 -21.78
C ASP A 138 -8.98 -13.65 -20.28
N VAL A 139 -9.97 -13.92 -19.43
CA VAL A 139 -9.81 -13.67 -18.00
C VAL A 139 -10.54 -14.77 -17.24
N SER A 140 -9.89 -15.24 -16.17
CA SER A 140 -10.44 -16.22 -15.26
C SER A 140 -10.10 -15.83 -13.81
N VAL A 141 -10.72 -16.54 -12.88
CA VAL A 141 -10.46 -16.34 -11.46
C VAL A 141 -9.60 -17.49 -10.97
N GLU A 142 -8.48 -17.13 -10.36
CA GLU A 142 -7.58 -18.09 -9.74
C GLU A 142 -8.28 -18.82 -8.60
N LYS A 143 -8.01 -20.13 -8.50
CA LYS A 143 -8.48 -20.93 -7.38
C LYS A 143 -8.05 -20.29 -6.07
N GLU A 144 -9.00 -20.24 -5.13
CA GLU A 144 -8.81 -19.60 -3.83
C GLU A 144 -7.67 -20.31 -3.12
N LYS A 145 -6.79 -19.54 -2.47
CA LYS A 145 -5.70 -20.06 -1.66
C LYS A 145 -6.05 -19.79 -0.19
N PRO A 146 -6.18 -20.81 0.68
CA PRO A 146 -6.46 -20.55 2.10
C PRO A 146 -5.44 -19.54 2.64
N GLY A 147 -5.95 -18.54 3.38
CA GLY A 147 -5.12 -17.49 3.93
C GLY A 147 -4.87 -16.30 3.00
N SER A 148 -5.42 -16.32 1.77
CA SER A 148 -5.27 -15.20 0.83
C SER A 148 -6.63 -14.59 0.58
N PRO A 149 -6.95 -13.43 1.21
CA PRO A 149 -8.29 -12.82 1.09
C PRO A 149 -8.57 -12.17 -0.27
N ALA A 150 -7.53 -11.85 -1.04
CA ALA A 150 -7.76 -11.25 -2.36
C ALA A 150 -8.47 -12.26 -3.26
N VAL A 151 -9.27 -11.74 -4.19
CA VAL A 151 -9.81 -12.54 -5.29
C VAL A 151 -8.95 -12.18 -6.50
N THR A 152 -8.20 -13.17 -7.01
CA THR A 152 -7.19 -12.94 -8.02
C THR A 152 -7.73 -13.26 -9.41
N LEU A 153 -7.71 -12.27 -10.28
CA LEU A 153 -7.97 -12.50 -11.67
C LEU A 153 -6.67 -12.87 -12.39
N LEU A 154 -6.79 -13.79 -13.36
CA LEU A 154 -5.73 -14.13 -14.28
C LEU A 154 -6.14 -13.71 -15.69
N ILE A 155 -5.43 -12.72 -16.22
CA ILE A 155 -5.68 -12.17 -17.53
C ILE A 155 -4.58 -12.70 -18.44
N ARG A 156 -4.94 -13.11 -19.67
CA ARG A 156 -3.95 -13.52 -20.68
C ARG A 156 -4.07 -12.58 -21.86
N ASN A 157 -2.96 -11.92 -22.24
CA ASN A 157 -3.05 -10.79 -23.15
C ASN A 157 -2.08 -10.82 -24.35
N PRO A 158 -1.35 -11.88 -24.71
CA PRO A 158 -1.42 -13.25 -24.20
C PRO A 158 -0.64 -13.65 -22.96
N GLU A 159 0.28 -12.80 -22.53
CA GLU A 159 1.06 -13.06 -21.32
C GLU A 159 0.14 -12.94 -20.09
N GLU A 160 0.46 -13.65 -19.02
CA GLU A 160 -0.40 -13.73 -17.84
C GLU A 160 -0.13 -12.55 -16.90
N ILE A 161 -1.20 -11.81 -16.55
CA ILE A 161 -1.17 -10.74 -15.57
C ILE A 161 -2.11 -11.19 -14.46
N SER A 162 -1.62 -11.18 -13.21
CA SER A 162 -2.43 -11.48 -12.03
C SER A 162 -2.90 -10.19 -11.41
N VAL A 163 -4.21 -10.10 -11.08
CA VAL A 163 -4.75 -8.90 -10.46
C VAL A 163 -5.40 -9.33 -9.15
N ASP A 164 -4.88 -8.88 -8.01
CA ASP A 164 -5.51 -9.16 -6.72
C ASP A 164 -6.54 -8.08 -6.38
N ILE A 165 -7.81 -8.51 -6.35
CA ILE A 165 -8.90 -7.64 -5.97
C ILE A 165 -9.11 -7.71 -4.46
N ILE A 166 -8.97 -6.55 -3.81
CA ILE A 166 -9.08 -6.45 -2.37
C ILE A 166 -10.35 -5.65 -2.06
N LEU A 167 -11.26 -6.24 -1.28
CA LEU A 167 -12.42 -5.55 -0.77
C LEU A 167 -12.02 -4.65 0.39
N ALA A 168 -12.39 -3.38 0.29
CA ALA A 168 -12.18 -2.40 1.33
C ALA A 168 -13.51 -1.83 1.75
N LEU A 169 -13.92 -1.93 3.02
CA LEU A 169 -15.05 -1.12 3.44
C LEU A 169 -14.67 0.33 3.60
N GLU A 170 -15.60 1.21 3.25
CA GLU A 170 -15.47 2.64 3.40
C GLU A 170 -16.39 3.14 4.48
N SER A 171 -15.81 3.81 5.46
CA SER A 171 -16.59 4.45 6.51
C SER A 171 -16.42 5.95 6.42
N LYS A 172 -17.54 6.69 6.47
CA LYS A 172 -17.46 8.14 6.47
C LYS A 172 -17.45 8.70 7.89
N GLY A 173 -17.36 7.86 8.91
CA GLY A 173 -17.24 8.35 10.27
C GLY A 173 -15.89 9.04 10.50
N SER A 174 -15.74 9.65 11.67
CA SER A 174 -14.47 10.25 12.06
C SER A 174 -13.45 9.12 12.22
N TRP A 175 -12.18 9.44 11.93
CA TRP A 175 -11.12 8.43 11.97
C TRP A 175 -11.03 7.85 13.37
N PRO A 176 -10.61 6.59 13.48
CA PRO A 176 -10.46 5.94 14.78
C PRO A 176 -9.48 6.66 15.68
N ILE A 177 -9.76 6.61 16.99
CA ILE A 177 -8.90 7.28 17.94
C ILE A 177 -7.45 6.79 17.91
N SER A 178 -7.16 5.56 17.43
CA SER A 178 -5.79 5.12 17.30
C SER A 178 -4.97 6.03 16.36
N THR A 179 -5.67 6.86 15.57
CA THR A 179 -5.03 7.70 14.57
C THR A 179 -4.87 9.14 15.02
N LYS A 180 -5.24 9.42 16.29
CA LYS A 180 -5.38 10.82 16.68
C LYS A 180 -4.09 11.60 16.52
N GLU A 181 -2.93 10.97 16.80
CA GLU A 181 -1.63 11.62 16.69
C GLU A 181 -0.89 11.25 15.40
N GLY A 182 -1.57 10.54 14.52
CA GLY A 182 -1.02 10.11 13.25
C GLY A 182 -1.03 11.26 12.25
N LEU A 183 -0.56 11.00 11.04
CA LEU A 183 -0.50 12.00 9.97
C LEU A 183 0.17 13.28 10.48
N PRO A 184 1.44 13.21 10.96
CA PRO A 184 2.11 14.37 11.57
C PRO A 184 2.69 15.34 10.54
N ILE A 185 1.82 15.91 9.70
CA ILE A 185 2.26 16.67 8.54
C ILE A 185 2.25 18.20 8.79
N GLN A 186 2.03 18.59 10.02
CA GLN A 186 1.74 20.00 10.34
C GLN A 186 2.86 20.96 9.93
N GLY A 187 4.13 20.56 9.97
CA GLY A 187 5.24 21.44 9.62
C GLY A 187 5.66 21.35 8.14
N TRP A 188 4.98 20.48 7.38
CA TRP A 188 5.33 20.08 6.03
C TRP A 188 4.19 20.46 5.08
N LEU A 189 3.07 19.73 5.11
CA LEU A 189 1.92 20.06 4.30
C LEU A 189 0.96 20.97 5.05
N GLY A 190 1.08 20.98 6.38
CA GLY A 190 0.37 21.99 7.17
C GLY A 190 -0.93 21.52 7.83
N THR A 191 -1.50 22.44 8.66
CA THR A 191 -2.64 22.14 9.50
C THR A 191 -3.95 22.11 8.70
N LYS A 192 -4.07 23.00 7.70
CA LYS A 192 -5.26 23.01 6.88
C LYS A 192 -5.35 21.73 6.06
N VAL A 193 -4.22 21.29 5.49
CA VAL A 193 -4.23 20.04 4.75
C VAL A 193 -4.57 18.89 5.69
N ARG A 194 -3.99 18.87 6.88
CA ARG A 194 -4.26 17.76 7.78
C ARG A 194 -5.76 17.71 8.11
N THR A 195 -6.35 18.87 8.39
CA THR A 195 -7.77 18.93 8.73
C THR A 195 -8.59 18.37 7.59
N ASN A 196 -8.30 18.81 6.37
CA ASN A 196 -9.01 18.39 5.20
C ASN A 196 -8.86 16.88 4.96
N LEU A 197 -7.65 16.34 5.12
CA LEU A 197 -7.49 14.92 4.86
C LEU A 197 -8.26 14.07 5.89
N ARG A 198 -8.26 14.49 7.15
CA ARG A 198 -8.93 13.74 8.19
C ARG A 198 -10.45 13.84 8.10
N ARG A 199 -11.01 14.74 7.26
CA ARG A 199 -12.44 14.80 7.02
C ARG A 199 -12.88 13.77 5.98
N GLU A 200 -11.91 13.13 5.30
CA GLU A 200 -12.20 12.15 4.28
C GLU A 200 -12.51 10.81 4.96
N PRO A 201 -13.09 9.87 4.19
CA PRO A 201 -13.41 8.56 4.73
C PRO A 201 -12.14 7.83 5.13
N PHE A 202 -12.33 6.71 5.85
CA PHE A 202 -11.24 5.78 6.02
C PHE A 202 -11.71 4.41 5.55
N TYR A 203 -10.76 3.47 5.40
CA TYR A 203 -11.06 2.16 4.82
C TYR A 203 -10.65 1.06 5.77
N LEU A 204 -11.31 -0.11 5.63
CA LEU A 204 -11.00 -1.33 6.41
C LEU A 204 -10.80 -2.46 5.43
N VAL A 205 -9.66 -3.15 5.57
CA VAL A 205 -9.30 -4.24 4.68
C VAL A 205 -9.18 -5.51 5.51
N PRO A 206 -9.78 -6.63 5.07
CA PRO A 206 -9.67 -7.87 5.81
C PRO A 206 -8.23 -8.31 5.94
N LYS A 207 -7.84 -8.66 7.17
CA LYS A 207 -6.53 -9.21 7.43
C LYS A 207 -6.59 -10.02 8.72
N ASN A 208 -6.18 -11.30 8.63
CA ASN A 208 -6.12 -12.17 9.80
C ASN A 208 -5.00 -11.81 10.75
N ALA A 209 -5.35 -11.69 12.03
CA ALA A 209 -4.42 -11.38 13.11
C ALA A 209 -3.39 -12.49 13.29
N LYS A 210 -3.85 -13.75 13.31
CA LYS A 210 -3.00 -14.91 13.56
C LYS A 210 -2.45 -14.90 15.00
N ASP A 211 -3.33 -14.62 15.97
CA ASP A 211 -2.97 -14.43 17.37
C ASP A 211 -3.56 -15.60 18.17
N GLY A 212 -4.13 -15.32 19.36
CA GLY A 212 -4.83 -16.30 20.18
C GLY A 212 -6.11 -16.82 19.55
N ASN A 213 -6.88 -15.95 18.88
CA ASN A 213 -7.96 -16.30 17.96
C ASN A 213 -9.32 -16.02 18.60
N SER A 214 -10.26 -16.96 18.41
CA SER A 214 -11.70 -16.71 18.46
C SER A 214 -12.14 -15.95 17.21
N PHE A 215 -11.76 -14.67 17.12
CA PHE A 215 -12.20 -13.79 16.04
C PHE A 215 -11.08 -13.63 15.01
N GLN A 216 -10.01 -14.41 15.21
CA GLN A 216 -9.21 -14.86 14.09
C GLN A 216 -10.14 -15.24 12.95
N GLY A 217 -9.89 -14.59 11.80
CA GLY A 217 -10.75 -14.72 10.65
C GLY A 217 -11.54 -13.46 10.35
N GLU A 218 -11.90 -12.64 11.38
CA GLU A 218 -12.90 -11.61 11.24
C GLU A 218 -12.34 -10.22 11.55
N THR A 219 -11.02 -10.14 11.56
CA THR A 219 -10.31 -8.90 11.82
C THR A 219 -10.03 -8.13 10.53
N TRP A 220 -9.90 -6.81 10.70
CA TRP A 220 -9.71 -5.85 9.63
C TRP A 220 -8.55 -4.94 10.02
N ARG A 221 -7.80 -4.47 9.05
CA ARG A 221 -6.76 -3.47 9.29
C ARG A 221 -7.24 -2.16 8.68
N LEU A 222 -6.82 -1.04 9.25
CA LEU A 222 -7.12 0.25 8.66
C LEU A 222 -6.27 0.46 7.41
N SER A 223 -6.86 1.19 6.46
CA SER A 223 -6.22 1.53 5.20
C SER A 223 -6.46 3.01 4.94
N PHE A 224 -5.38 3.73 4.58
CA PHE A 224 -5.47 5.13 4.21
C PHE A 224 -4.89 5.29 2.80
N SER A 225 -5.17 4.33 1.92
CA SER A 225 -4.53 4.32 0.59
C SER A 225 -4.83 5.60 -0.18
N HIS A 226 -6.01 6.21 0.04
CA HIS A 226 -6.39 7.46 -0.60
C HIS A 226 -5.54 8.62 -0.10
N THR A 227 -5.40 8.72 1.21
CA THR A 227 -4.56 9.74 1.83
C THR A 227 -3.12 9.59 1.36
N GLU A 228 -2.62 8.33 1.31
CA GLU A 228 -1.26 8.10 0.87
C GLU A 228 -1.03 8.57 -0.58
N LYS A 229 -2.01 8.30 -1.44
CA LYS A 229 -1.92 8.72 -2.82
C LYS A 229 -1.85 10.24 -2.89
N TYR A 230 -2.73 10.91 -2.13
CA TYR A 230 -2.74 12.37 -2.09
C TYR A 230 -1.37 12.90 -1.66
N ILE A 231 -0.80 12.31 -0.60
CA ILE A 231 0.50 12.77 -0.09
C ILE A 231 1.58 12.61 -1.17
N LEU A 232 1.65 11.42 -1.78
CA LEU A 232 2.65 11.19 -2.82
C LEU A 232 2.53 12.21 -3.96
N ASN A 233 1.30 12.53 -4.36
CA ASN A 233 1.08 13.38 -5.52
C ASN A 233 1.03 14.88 -5.14
N ASN A 234 1.07 15.21 -3.85
CA ASN A 234 1.05 16.57 -3.29
C ASN A 234 2.05 16.68 -2.15
N HIS A 235 3.34 16.44 -2.44
CA HIS A 235 4.30 16.08 -1.44
C HIS A 235 5.23 17.23 -1.04
N GLY A 236 5.02 18.41 -1.61
CA GLY A 236 5.94 19.52 -1.33
C GLY A 236 5.43 20.51 -0.28
N ILE A 237 6.34 21.28 0.31
CA ILE A 237 5.88 22.43 1.10
C ILE A 237 5.35 23.50 0.14
N GLU A 238 5.95 23.67 -1.04
CA GLU A 238 5.40 24.52 -2.07
C GLU A 238 4.38 23.74 -2.89
N LYS A 239 3.29 24.41 -3.20
CA LYS A 239 2.19 23.80 -3.93
C LYS A 239 2.60 23.42 -5.33
N THR A 240 3.64 24.08 -5.85
CA THR A 240 4.08 23.87 -7.21
C THR A 240 5.21 22.84 -7.32
N CYS A 241 5.59 22.19 -6.22
CA CYS A 241 6.63 21.17 -6.25
C CYS A 241 6.29 20.13 -7.31
N CYS A 242 7.25 19.90 -8.20
CA CYS A 242 7.13 18.97 -9.32
C CYS A 242 6.03 19.30 -10.33
N GLU A 243 5.49 20.52 -10.35
CA GLU A 243 4.56 20.92 -11.39
C GLU A 243 5.31 21.64 -12.52
N SER A 244 4.60 21.92 -13.61
CA SER A 244 5.12 22.61 -14.79
C SER A 244 5.63 24.02 -14.49
N SER A 245 4.94 24.82 -13.66
CA SER A 245 5.46 26.13 -13.24
C SER A 245 6.11 26.09 -11.86
N GLY A 246 6.63 24.92 -11.45
CA GLY A 246 7.39 24.84 -10.22
C GLY A 246 8.71 24.12 -10.44
N ALA A 247 9.29 23.62 -9.36
CA ALA A 247 10.63 23.04 -9.33
C ALA A 247 10.51 21.55 -9.01
N LYS A 248 11.27 20.72 -9.72
CA LYS A 248 11.39 19.30 -9.42
C LYS A 248 12.05 19.12 -8.05
N CYS A 249 11.60 18.08 -7.30
CA CYS A 249 12.36 17.56 -6.19
C CYS A 249 12.72 16.09 -6.47
N CYS A 250 13.44 15.45 -5.52
CA CYS A 250 13.85 14.07 -5.69
C CYS A 250 13.17 13.17 -4.64
N ARG A 251 12.03 13.58 -4.10
CA ARG A 251 11.33 12.78 -3.08
C ARG A 251 10.88 11.43 -3.64
N LYS A 252 10.16 11.43 -4.76
CA LYS A 252 9.65 10.17 -5.28
C LYS A 252 10.79 9.31 -5.81
N GLU A 253 11.81 9.94 -6.37
CA GLU A 253 12.97 9.22 -6.89
C GLU A 253 13.63 8.42 -5.77
N CYS A 254 13.74 9.02 -4.59
CA CYS A 254 14.34 8.33 -3.46
C CYS A 254 13.47 7.14 -3.04
N LEU A 255 12.14 7.35 -3.00
CA LEU A 255 11.26 6.23 -2.72
C LEU A 255 11.47 5.08 -3.71
N LYS A 256 11.52 5.41 -5.03
CA LYS A 256 11.68 4.39 -6.04
C LYS A 256 12.97 3.60 -5.83
N LEU A 257 14.09 4.32 -5.61
CA LEU A 257 15.36 3.67 -5.45
C LEU A 257 15.36 2.76 -4.23
N MET A 258 14.80 3.21 -3.12
CA MET A 258 14.78 2.40 -1.92
C MET A 258 13.88 1.19 -2.10
N LYS A 259 12.72 1.36 -2.79
CA LYS A 259 11.87 0.21 -3.06
C LYS A 259 12.63 -0.81 -3.89
N TYR A 260 13.37 -0.33 -4.90
CA TYR A 260 14.16 -1.20 -5.75
C TYR A 260 15.29 -1.89 -4.99
N LEU A 261 16.00 -1.15 -4.15
CA LEU A 261 17.02 -1.79 -3.33
C LEU A 261 16.43 -2.96 -2.53
N LEU A 262 15.30 -2.75 -1.85
CA LEU A 262 14.66 -3.81 -1.08
C LEU A 262 14.20 -4.98 -1.96
N GLU A 263 13.61 -4.68 -3.12
CA GLU A 263 13.13 -5.70 -4.03
C GLU A 263 14.29 -6.60 -4.48
N GLN A 264 15.41 -6.01 -4.84
CA GLN A 264 16.56 -6.73 -5.34
C GLN A 264 17.15 -7.56 -4.21
N LEU A 265 17.20 -6.99 -3.01
CA LEU A 265 17.72 -7.76 -1.87
C LEU A 265 16.81 -8.94 -1.56
N LYS A 266 15.50 -8.72 -1.55
CA LYS A 266 14.53 -9.73 -1.17
C LYS A 266 14.55 -10.90 -2.15
N LYS A 267 14.79 -10.62 -3.44
CA LYS A 267 14.84 -11.65 -4.47
C LYS A 267 16.00 -12.61 -4.18
N GLU A 268 17.14 -12.08 -3.72
CA GLU A 268 18.31 -12.86 -3.39
C GLU A 268 18.21 -13.57 -2.05
N PHE A 269 17.61 -12.93 -1.04
CA PHE A 269 17.70 -13.49 0.30
C PHE A 269 16.33 -13.76 0.88
N GLN A 270 16.03 -15.06 1.10
CA GLN A 270 14.75 -15.43 1.72
C GLN A 270 14.71 -15.04 3.20
N GLU A 271 15.87 -14.71 3.79
CA GLU A 271 15.91 -14.17 5.15
C GLU A 271 15.21 -12.80 5.27
N LEU A 272 14.95 -12.13 4.12
CA LEU A 272 14.25 -10.85 4.11
C LEU A 272 12.77 -10.97 3.77
N ASP A 273 12.18 -12.18 3.90
CA ASP A 273 10.77 -12.38 3.57
C ASP A 273 9.82 -11.49 4.36
N ALA A 274 10.14 -11.18 5.62
CA ALA A 274 9.22 -10.41 6.46
C ALA A 274 9.20 -8.90 6.09
N PHE A 275 10.16 -8.41 5.30
CA PHE A 275 10.15 -7.00 4.91
C PHE A 275 9.24 -6.79 3.69
N CYS A 276 8.74 -5.56 3.52
CA CYS A 276 7.92 -5.26 2.36
C CYS A 276 8.03 -3.78 2.00
N SER A 277 7.56 -3.42 0.80
CA SER A 277 7.63 -2.06 0.33
C SER A 277 6.96 -1.07 1.28
N TYR A 278 5.90 -1.48 1.97
CA TYR A 278 5.19 -0.59 2.87
C TYR A 278 6.10 -0.15 4.02
N HIS A 279 7.13 -0.93 4.39
CA HIS A 279 8.15 -0.50 5.33
C HIS A 279 8.92 0.69 4.79
N VAL A 280 9.23 0.65 3.48
CA VAL A 280 10.03 1.69 2.87
C VAL A 280 9.17 2.93 2.74
N LYS A 281 7.91 2.76 2.35
CA LYS A 281 7.02 3.91 2.20
C LYS A 281 6.81 4.64 3.53
N THR A 282 6.59 3.85 4.59
CA THR A 282 6.39 4.38 5.93
C THR A 282 7.64 5.14 6.40
N ALA A 283 8.83 4.54 6.21
CA ALA A 283 10.08 5.22 6.48
C ALA A 283 10.22 6.54 5.77
N ILE A 284 9.90 6.59 4.46
CA ILE A 284 10.06 7.82 3.71
C ILE A 284 9.00 8.85 4.15
N PHE A 285 7.80 8.43 4.54
CA PHE A 285 6.87 9.39 5.08
C PHE A 285 7.47 10.11 6.31
N HIS A 286 8.10 9.37 7.21
CA HIS A 286 8.75 9.94 8.38
C HIS A 286 9.92 10.85 7.96
N MET A 287 10.71 10.47 6.94
CA MET A 287 11.80 11.29 6.44
C MET A 287 11.29 12.61 5.86
N TRP A 288 10.17 12.55 5.14
CA TRP A 288 9.59 13.75 4.58
C TRP A 288 9.06 14.70 5.66
N THR A 289 8.70 14.14 6.82
CA THR A 289 8.28 14.92 7.95
C THR A 289 9.49 15.55 8.61
N GLN A 290 10.54 14.75 8.75
CA GLN A 290 11.77 15.20 9.41
C GLN A 290 12.44 16.34 8.61
N ASP A 291 12.44 16.23 7.29
CA ASP A 291 13.10 17.16 6.37
C ASP A 291 12.01 17.73 5.45
N PRO A 292 11.21 18.71 5.93
CA PRO A 292 10.04 19.14 5.17
C PRO A 292 10.28 20.06 3.98
N GLN A 293 11.43 20.75 3.98
CA GLN A 293 11.73 21.72 2.95
C GLN A 293 11.96 21.07 1.60
N ASP A 294 11.37 21.66 0.55
CA ASP A 294 11.61 21.21 -0.80
C ASP A 294 13.10 21.35 -1.13
N SER A 295 13.77 22.37 -0.57
CA SER A 295 15.18 22.59 -0.84
C SER A 295 16.04 21.46 -0.27
N GLN A 296 15.50 20.73 0.70
CA GLN A 296 16.20 19.56 1.25
C GLN A 296 16.14 18.36 0.30
N TRP A 297 15.28 18.45 -0.72
CA TRP A 297 15.10 17.39 -1.69
C TRP A 297 15.33 17.89 -3.10
N ASP A 298 16.31 18.77 -3.27
CA ASP A 298 16.72 19.26 -4.58
C ASP A 298 17.25 18.09 -5.39
N PRO A 299 16.96 18.00 -6.71
CA PRO A 299 17.44 16.90 -7.53
C PRO A 299 18.96 16.72 -7.49
N ARG A 300 19.69 17.81 -7.24
CA ARG A 300 21.14 17.68 -7.19
C ARG A 300 21.56 16.88 -5.97
N ASN A 301 20.69 16.77 -4.95
CA ASN A 301 21.01 16.04 -3.75
C ASN A 301 20.47 14.60 -3.78
N LEU A 302 20.19 14.07 -4.96
CA LEU A 302 19.69 12.69 -5.03
C LEU A 302 20.52 11.73 -4.18
N SER A 303 21.86 11.71 -4.38
CA SER A 303 22.69 10.77 -3.66
C SER A 303 22.64 11.01 -2.15
N SER A 304 22.72 12.26 -1.69
CA SER A 304 22.76 12.49 -0.27
C SER A 304 21.39 12.22 0.37
N CYS A 305 20.31 12.59 -0.32
CA CYS A 305 18.98 12.27 0.14
C CYS A 305 18.79 10.76 0.23
N PHE A 306 19.22 10.04 -0.80
CA PHE A 306 19.12 8.58 -0.73
C PHE A 306 19.87 8.03 0.47
N ASP A 307 21.08 8.55 0.69
CA ASP A 307 21.90 8.08 1.79
C ASP A 307 21.22 8.39 3.12
N LYS A 308 20.58 9.56 3.28
CA LYS A 308 19.92 9.86 4.54
C LYS A 308 18.72 8.93 4.80
N LEU A 309 18.02 8.53 3.73
CA LEU A 309 16.92 7.59 3.86
C LEU A 309 17.44 6.22 4.29
N LEU A 310 18.59 5.81 3.72
CA LEU A 310 19.16 4.53 4.14
C LEU A 310 19.56 4.60 5.63
N ALA A 311 20.19 5.71 6.03
CA ALA A 311 20.59 5.90 7.42
C ALA A 311 19.39 5.86 8.35
N PHE A 312 18.28 6.52 7.97
CA PHE A 312 17.07 6.54 8.77
C PHE A 312 16.56 5.13 8.89
N PHE A 313 16.52 4.43 7.76
CA PHE A 313 16.00 3.06 7.76
C PHE A 313 16.86 2.14 8.65
N LEU A 314 18.17 2.31 8.58
CA LEU A 314 19.08 1.52 9.41
C LEU A 314 18.88 1.81 10.90
N GLU A 315 18.55 3.05 11.28
CA GLU A 315 18.26 3.42 12.66
C GLU A 315 16.92 2.82 13.10
N CYS A 316 15.92 2.72 12.18
CA CYS A 316 14.68 2.01 12.47
C CYS A 316 14.94 0.52 12.73
N LEU A 317 15.85 -0.07 11.93
CA LEU A 317 16.24 -1.46 12.14
C LEU A 317 16.97 -1.63 13.49
N ARG A 318 17.94 -0.76 13.76
CA ARG A 318 18.72 -0.85 15.00
C ARG A 318 17.80 -0.77 16.23
N THR A 319 16.84 0.16 16.23
CA THR A 319 15.93 0.34 17.37
C THR A 319 14.68 -0.55 17.34
N GLU A 320 14.48 -1.32 16.26
CA GLU A 320 13.30 -2.14 16.10
C GLU A 320 12.06 -1.27 16.31
N LYS A 321 12.09 -0.11 15.64
CA LYS A 321 10.98 0.83 15.73
C LYS A 321 10.74 1.47 14.38
N LEU A 322 9.53 1.25 13.85
CA LEU A 322 9.03 1.98 12.68
C LEU A 322 7.54 2.12 12.82
N ASP A 323 7.11 3.31 13.24
CA ASP A 323 5.71 3.55 13.55
C ASP A 323 4.90 3.76 12.28
N HIS A 324 3.74 3.12 12.19
CA HIS A 324 2.77 3.36 11.14
C HIS A 324 2.54 4.85 11.14
N TYR A 325 2.58 5.45 9.94
CA TYR A 325 2.50 6.90 9.86
C TYR A 325 1.16 7.43 10.35
N PHE A 326 0.06 6.62 10.27
CA PHE A 326 -1.29 7.05 10.57
C PHE A 326 -1.70 6.54 11.96
N ILE A 327 -1.03 5.49 12.45
CA ILE A 327 -1.43 4.75 13.65
C ILE A 327 -0.19 4.64 14.55
N PRO A 328 0.16 5.70 15.29
CA PRO A 328 1.51 5.79 15.87
C PRO A 328 1.89 4.71 16.88
N LYS A 329 0.91 4.05 17.52
CA LYS A 329 1.27 2.97 18.44
C LYS A 329 1.50 1.63 17.73
N PHE A 330 1.21 1.55 16.43
CA PHE A 330 1.45 0.34 15.67
C PHE A 330 2.87 0.36 15.14
N ASN A 331 3.76 -0.43 15.76
CA ASN A 331 5.17 -0.50 15.42
C ASN A 331 5.34 -1.63 14.43
N LEU A 332 5.58 -1.28 13.16
CA LEU A 332 5.75 -2.25 12.10
C LEU A 332 7.01 -3.11 12.29
N PHE A 333 8.01 -2.63 13.04
CA PHE A 333 9.27 -3.33 13.26
C PHE A 333 9.35 -3.92 14.67
N SER A 334 8.20 -4.18 15.29
CA SER A 334 8.21 -4.75 16.64
C SER A 334 8.94 -6.08 16.64
N GLN A 335 9.47 -6.47 17.81
CA GLN A 335 10.13 -7.78 17.91
C GLN A 335 9.15 -8.87 17.50
N GLU A 336 7.88 -8.69 17.90
CA GLU A 336 6.85 -9.67 17.70
C GLU A 336 6.60 -9.85 16.21
N LEU A 337 6.63 -8.78 15.41
CA LEU A 337 6.32 -8.93 13.97
C LEU A 337 7.53 -9.37 13.15
N ILE A 338 8.72 -8.97 13.56
CA ILE A 338 9.92 -9.26 12.79
C ILE A 338 11.03 -9.60 13.78
N ASP A 339 11.66 -10.77 13.59
CA ASP A 339 12.73 -11.20 14.48
C ASP A 339 13.95 -10.29 14.37
N ARG A 340 14.64 -10.15 15.50
CA ARG A 340 15.87 -9.31 15.53
C ARG A 340 16.84 -9.84 14.47
N LYS A 341 16.91 -11.16 14.31
CA LYS A 341 17.85 -11.74 13.36
C LYS A 341 17.59 -11.20 11.94
N SER A 342 16.33 -11.06 11.54
CA SER A 342 16.00 -10.56 10.21
C SER A 342 16.46 -9.11 10.06
N LYS A 343 16.33 -8.31 11.13
CA LYS A 343 16.65 -6.89 11.10
C LYS A 343 18.16 -6.72 11.00
N GLU A 344 18.89 -7.57 11.77
CA GLU A 344 20.34 -7.51 11.77
C GLU A 344 20.86 -7.93 10.39
N PHE A 345 20.23 -8.94 9.79
CA PHE A 345 20.59 -9.41 8.46
C PHE A 345 20.39 -8.30 7.42
N LEU A 346 19.21 -7.66 7.45
CA LEU A 346 18.93 -6.59 6.49
C LEU A 346 19.88 -5.40 6.71
N SER A 347 20.17 -5.05 7.97
CA SER A 347 21.11 -3.99 8.25
C SER A 347 22.44 -4.26 7.58
N LYS A 348 22.94 -5.48 7.76
CA LYS A 348 24.24 -5.85 7.23
C LYS A 348 24.27 -5.68 5.71
N LYS A 349 23.22 -6.17 5.04
CA LYS A 349 23.12 -6.13 3.59
C LYS A 349 23.06 -4.68 3.08
N ILE A 350 22.28 -3.82 3.75
CA ILE A 350 22.15 -2.42 3.36
C ILE A 350 23.50 -1.71 3.50
N GLU A 351 24.18 -1.84 4.67
CA GLU A 351 25.50 -1.25 4.87
C GLU A 351 26.50 -1.70 3.80
N TYR A 352 26.47 -2.99 3.46
CA TYR A 352 27.32 -3.52 2.39
C TYR A 352 27.07 -2.80 1.07
N GLU A 353 25.80 -2.65 0.68
CA GLU A 353 25.52 -2.02 -0.59
C GLU A 353 26.01 -0.59 -0.55
N ARG A 354 25.75 0.04 0.60
CA ARG A 354 26.04 1.46 0.74
C ARG A 354 27.55 1.69 0.69
N ASN A 355 28.31 0.72 1.18
CA ASN A 355 29.75 0.90 1.25
C ASN A 355 30.47 0.38 0.00
N ASN A 356 29.76 -0.28 -0.95
CA ASN A 356 30.44 -0.89 -2.08
C ASN A 356 29.86 -0.50 -3.43
N GLY A 357 29.23 0.69 -3.52
CA GLY A 357 28.71 1.17 -4.80
C GLY A 357 27.41 0.51 -5.27
N PHE A 358 26.63 -0.05 -4.34
CA PHE A 358 25.35 -0.68 -4.64
C PHE A 358 25.43 -1.65 -5.81
N PRO A 359 26.22 -2.74 -5.69
CA PRO A 359 26.24 -3.79 -6.71
C PRO A 359 24.89 -4.44 -6.96
N ILE A 360 24.05 -4.53 -5.92
CA ILE A 360 22.83 -5.29 -6.09
C ILE A 360 21.93 -4.65 -7.14
N PHE A 361 22.17 -3.38 -7.46
CA PHE A 361 21.28 -2.70 -8.39
C PHE A 361 21.37 -3.42 -9.73
N ASP A 362 22.59 -3.92 -10.04
CA ASP A 362 22.99 -4.47 -11.34
C ASP A 362 22.46 -5.89 -11.64
N LYS A 363 21.82 -6.56 -10.68
CA LYS A 363 21.41 -7.94 -10.88
C LYS A 363 20.26 -8.03 -11.90
ZN ZN B . 8.33 17.43 -5.75
#